data_2YN0
#
_entry.id   2YN0
#
_cell.length_a   80.580
_cell.length_b   86.730
_cell.length_c   44.310
_cell.angle_alpha   90.00
_cell.angle_beta   90.00
_cell.angle_gamma   90.00
#
_symmetry.space_group_name_H-M   'P 21 21 2'
#
loop_
_entity.id
_entity.type
_entity.pdbx_description
1 polymer 'TRANSCRIPTION FACTOR TAU 55 KDA SUBUNIT'
2 non-polymer 'PHOSPHATE ION'
3 water water
#
_entity_poly.entity_id   1
_entity_poly.type   'polypeptide(L)'
_entity_poly.pdbx_seq_one_letter_code
;MVNTIYIARHGYRSNWLPEGPYPDPLTGIDSDVPLAEHGVQQAKELAHYLLSLDNQPEAAFASPFYRCLETVQPIAKLLE
IPVYLERGIGEWYRPDRKPVIPVPAGYEILSKFFPGVISQEWDSTLTPNEKGETEQEMYMRFKKFWPLFIERVEKEYPNV
ECILLVTHAASKIALGMSLLGYDNPRMSLNENGDKIRSGSCSLDKYEILKKSYDTIDETDDQTSFTYIPFSDRKWVLTMN
GNTEFLSSGEEMNWNFDCVAEAGSDADIKKR
;
_entity_poly.pdbx_strand_id   A
#
# COMPACT_ATOMS: atom_id res chain seq x y z
N VAL A 2 -6.17 -15.38 6.01
CA VAL A 2 -5.38 -14.75 4.93
C VAL A 2 -4.05 -15.48 4.76
N ASN A 3 -3.83 -16.01 3.56
CA ASN A 3 -2.59 -16.68 3.23
C ASN A 3 -1.74 -16.03 2.15
N THR A 4 -2.28 -14.97 1.53
CA THR A 4 -1.59 -14.25 0.44
C THR A 4 -1.86 -12.76 0.60
N ILE A 5 -0.80 -11.98 0.58
CA ILE A 5 -0.89 -10.54 0.69
C ILE A 5 -0.11 -9.90 -0.44
N TYR A 6 -0.81 -9.07 -1.21
CA TYR A 6 -0.17 -8.25 -2.20
C TYR A 6 -0.05 -6.84 -1.65
N ILE A 7 1.08 -6.18 -1.94
CA ILE A 7 1.30 -4.81 -1.52
C ILE A 7 1.80 -4.04 -2.71
N ALA A 8 1.06 -3.02 -3.11
CA ALA A 8 1.42 -2.18 -4.25
C ALA A 8 1.63 -0.73 -3.84
N ARG A 9 2.51 -0.06 -4.59
CA ARG A 9 2.63 1.39 -4.46
C ARG A 9 1.67 2.07 -5.40
N HIS A 10 1.18 3.25 -5.02
CA HIS A 10 0.38 4.05 -5.95
C HIS A 10 1.21 4.41 -7.19
N GLY A 11 0.51 4.96 -8.18
CA GLY A 11 1.14 5.39 -9.41
C GLY A 11 1.83 6.74 -9.40
N TYR A 12 2.36 7.09 -10.56
CA TYR A 12 3.20 8.25 -10.77
C TYR A 12 2.47 9.53 -10.36
N ARG A 13 3.16 10.33 -9.54
CA ARG A 13 2.57 11.53 -8.90
C ARG A 13 2.62 12.76 -9.77
N SER A 14 1.58 13.58 -9.70
CA SER A 14 1.54 14.78 -10.51
C SER A 14 2.68 15.74 -10.22
N ASN A 15 3.15 15.76 -8.98
CA ASN A 15 4.21 16.70 -8.62
C ASN A 15 5.58 16.33 -9.18
N TRP A 16 5.69 15.15 -9.78
CA TRP A 16 6.95 14.68 -10.35
C TRP A 16 7.17 15.21 -11.77
N LEU A 17 6.14 15.76 -12.40
CA LEU A 17 6.29 16.28 -13.77
C LEU A 17 7.33 17.40 -13.76
N PRO A 18 7.96 17.66 -14.91
CA PRO A 18 9.10 18.56 -14.95
C PRO A 18 8.73 20.03 -14.74
N GLU A 19 7.51 20.40 -15.08
CA GLU A 19 7.09 21.78 -14.94
C GLU A 19 5.64 21.87 -14.49
N GLY A 20 5.34 22.98 -13.81
CA GLY A 20 3.98 23.32 -13.42
C GLY A 20 3.19 23.87 -14.60
N PRO A 21 1.96 24.32 -14.35
CA PRO A 21 1.38 24.37 -13.02
C PRO A 21 0.98 23.00 -12.52
N TYR A 22 1.19 22.78 -11.23
CA TYR A 22 0.89 21.49 -10.62
C TYR A 22 -0.50 21.53 -10.00
N PRO A 23 -1.30 20.47 -10.23
CA PRO A 23 -2.66 20.50 -9.67
C PRO A 23 -2.65 20.49 -8.15
N ASP A 24 -3.56 21.26 -7.57
CA ASP A 24 -3.63 21.32 -6.12
CA ASP A 24 -3.63 21.32 -6.12
CA ASP A 24 -3.69 21.37 -6.12
C ASP A 24 -4.43 20.14 -5.61
N PRO A 25 -4.09 19.68 -4.40
CA PRO A 25 -4.83 18.58 -3.76
C PRO A 25 -6.33 18.83 -3.76
N LEU A 26 -7.10 17.89 -4.30
CA LEU A 26 -8.55 18.06 -4.38
CA LEU A 26 -8.55 18.04 -4.38
C LEU A 26 -9.21 18.07 -3.01
N THR A 27 -8.53 17.50 -2.03
CA THR A 27 -9.01 17.40 -0.65
C THR A 27 -8.60 18.60 0.22
N GLY A 28 -7.79 19.50 -0.34
CA GLY A 28 -7.27 20.61 0.41
C GLY A 28 -6.16 20.26 1.39
N ILE A 29 -5.71 19.00 1.38
CA ILE A 29 -4.69 18.55 2.34
C ILE A 29 -3.29 18.70 1.74
N ASP A 30 -2.39 19.33 2.49
CA ASP A 30 -1.04 19.55 2.01
C ASP A 30 -0.42 18.28 1.43
N SER A 31 0.11 18.45 0.22
CA SER A 31 0.80 17.40 -0.55
CA SER A 31 0.80 17.39 -0.51
C SER A 31 -0.06 16.18 -0.89
N ASP A 32 -1.37 16.29 -0.72
CA ASP A 32 -2.27 15.18 -1.06
C ASP A 32 -2.66 15.24 -2.55
N VAL A 33 -1.65 15.13 -3.41
CA VAL A 33 -1.80 15.44 -4.82
C VAL A 33 -2.42 14.30 -5.61
N PRO A 34 -2.94 14.60 -6.78
CA PRO A 34 -3.43 13.53 -7.64
C PRO A 34 -2.32 12.84 -8.43
N LEU A 35 -2.66 11.72 -9.05
CA LEU A 35 -1.77 11.08 -10.00
C LEU A 35 -1.60 11.94 -11.23
N ALA A 36 -0.43 11.85 -11.83
CA ALA A 36 -0.23 12.28 -13.22
C ALA A 36 -1.06 11.39 -14.14
N GLU A 37 -1.37 11.87 -15.34
CA GLU A 37 -2.01 11.03 -16.35
CA GLU A 37 -2.03 11.01 -16.33
C GLU A 37 -1.22 9.75 -16.56
N HIS A 38 0.11 9.89 -16.59
CA HIS A 38 1.02 8.76 -16.74
C HIS A 38 0.82 7.74 -15.63
N GLY A 39 0.53 8.23 -14.42
CA GLY A 39 0.26 7.36 -13.29
C GLY A 39 -1.10 6.69 -13.35
N VAL A 40 -2.10 7.36 -13.92
CA VAL A 40 -3.40 6.72 -14.10
C VAL A 40 -3.27 5.55 -15.06
N GLN A 41 -2.42 5.72 -16.08
CA GLN A 41 -2.16 4.63 -17.02
C GLN A 41 -1.48 3.46 -16.30
N GLN A 42 -0.49 3.77 -15.46
CA GLN A 42 0.16 2.69 -14.68
C GLN A 42 -0.89 1.94 -13.84
N ALA A 43 -1.78 2.68 -13.19
CA ALA A 43 -2.77 2.03 -12.32
C ALA A 43 -3.68 1.11 -13.14
N LYS A 44 -4.10 1.54 -14.31
CA LYS A 44 -4.89 0.68 -15.18
C LYS A 44 -4.11 -0.58 -15.57
N GLU A 45 -2.83 -0.44 -15.86
CA GLU A 45 -2.02 -1.62 -16.20
C GLU A 45 -1.83 -2.54 -15.00
N LEU A 46 -1.65 -1.98 -13.82
CA LEU A 46 -1.60 -2.80 -12.60
C LEU A 46 -2.94 -3.56 -12.41
N ALA A 47 -4.06 -2.87 -12.63
CA ALA A 47 -5.35 -3.52 -12.52
C ALA A 47 -5.45 -4.70 -13.47
N HIS A 48 -5.02 -4.53 -14.73
CA HIS A 48 -5.11 -5.60 -15.69
CA HIS A 48 -5.06 -5.58 -15.74
C HIS A 48 -4.19 -6.76 -15.34
N TYR A 49 -3.03 -6.48 -14.75
CA TYR A 49 -2.17 -7.56 -14.30
C TYR A 49 -2.84 -8.32 -13.17
N LEU A 50 -3.41 -7.64 -12.19
CA LEU A 50 -4.01 -8.34 -11.05
C LEU A 50 -5.19 -9.18 -11.53
N LEU A 51 -5.94 -8.64 -12.49
CA LEU A 51 -7.07 -9.34 -13.06
C LEU A 51 -6.67 -10.70 -13.61
N SER A 52 -5.45 -10.76 -14.17
CA SER A 52 -4.96 -11.93 -14.87
C SER A 52 -4.47 -13.05 -13.95
N LEU A 53 -4.34 -12.76 -12.66
CA LEU A 53 -3.79 -13.76 -11.73
C LEU A 53 -4.78 -14.86 -11.34
N ASP A 54 -4.28 -16.07 -11.17
CA ASP A 54 -5.12 -17.13 -10.64
C ASP A 54 -5.51 -16.80 -9.21
N ASN A 55 -4.55 -16.30 -8.43
CA ASN A 55 -4.74 -15.96 -7.01
C ASN A 55 -4.97 -14.45 -6.89
N GLN A 56 -6.17 -13.97 -7.23
CA GLN A 56 -6.47 -12.53 -7.23
C GLN A 56 -6.83 -12.07 -5.82
N PRO A 57 -6.51 -10.81 -5.49
CA PRO A 57 -7.02 -10.27 -4.24
C PRO A 57 -8.53 -10.18 -4.23
N GLU A 58 -9.09 -10.37 -3.04
CA GLU A 58 -10.53 -10.40 -2.85
C GLU A 58 -11.04 -9.16 -2.13
N ALA A 59 -10.10 -8.36 -1.63
CA ALA A 59 -10.44 -7.12 -0.92
C ALA A 59 -9.21 -6.24 -0.98
N ALA A 60 -9.42 -4.93 -0.99
CA ALA A 60 -8.31 -4.01 -1.05
C ALA A 60 -8.40 -3.03 0.11
N PHE A 61 -7.26 -2.73 0.71
CA PHE A 61 -7.09 -1.77 1.78
C PHE A 61 -6.14 -0.69 1.30
N ALA A 62 -6.56 0.56 1.38
CA ALA A 62 -5.81 1.66 0.82
C ALA A 62 -5.47 2.72 1.84
N SER A 63 -4.23 3.19 1.78
CA SER A 63 -3.92 4.47 2.38
C SER A 63 -4.95 5.48 1.89
N PRO A 64 -5.49 6.30 2.79
CA PRO A 64 -6.50 7.28 2.37
C PRO A 64 -5.97 8.50 1.65
N PHE A 65 -4.69 8.53 1.35
CA PHE A 65 -4.20 9.60 0.50
C PHE A 65 -4.79 9.44 -0.89
N TYR A 66 -5.10 10.58 -1.51
CA TYR A 66 -5.80 10.59 -2.77
C TYR A 66 -5.13 9.76 -3.87
N ARG A 67 -3.82 9.85 -3.94
CA ARG A 67 -3.08 9.15 -4.98
C ARG A 67 -3.20 7.62 -4.83
N CYS A 68 -3.36 7.15 -3.60
CA CYS A 68 -3.60 5.72 -3.40
C CYS A 68 -5.01 5.30 -3.79
N LEU A 69 -6.03 6.10 -3.44
CA LEU A 69 -7.38 5.82 -3.90
C LEU A 69 -7.50 5.84 -5.42
N GLU A 70 -6.82 6.80 -6.05
CA GLU A 70 -6.87 6.89 -7.49
C GLU A 70 -6.23 5.68 -8.16
N THR A 71 -5.24 5.09 -7.50
CA THR A 71 -4.60 3.90 -8.00
C THR A 71 -5.48 2.68 -7.81
N VAL A 72 -6.13 2.58 -6.64
CA VAL A 72 -6.94 1.38 -6.37
C VAL A 72 -8.29 1.38 -7.11
N GLN A 73 -8.74 2.56 -7.52
CA GLN A 73 -10.05 2.68 -8.18
C GLN A 73 -10.19 1.72 -9.39
N PRO A 74 -9.25 1.76 -10.37
CA PRO A 74 -9.42 0.86 -11.52
C PRO A 74 -9.29 -0.62 -11.14
N ILE A 75 -8.46 -0.90 -10.13
CA ILE A 75 -8.32 -2.25 -9.61
C ILE A 75 -9.63 -2.75 -9.04
N ALA A 76 -10.25 -1.93 -8.19
CA ALA A 76 -11.51 -2.35 -7.54
C ALA A 76 -12.63 -2.51 -8.56
N LYS A 77 -12.70 -1.61 -9.54
CA LYS A 77 -13.76 -1.66 -10.54
C LYS A 77 -13.63 -2.89 -11.45
N LEU A 78 -12.40 -3.22 -11.84
CA LEU A 78 -12.15 -4.33 -12.74
CA LEU A 78 -12.17 -4.34 -12.74
C LEU A 78 -12.29 -5.69 -12.04
N LEU A 79 -11.72 -5.82 -10.83
CA LEU A 79 -11.80 -7.07 -10.08
C LEU A 79 -13.12 -7.22 -9.32
N GLU A 80 -13.87 -6.14 -9.19
CA GLU A 80 -15.14 -6.12 -8.45
C GLU A 80 -14.92 -6.54 -6.99
N ILE A 81 -14.06 -5.78 -6.32
CA ILE A 81 -13.73 -6.06 -4.94
C ILE A 81 -13.92 -4.79 -4.11
N PRO A 82 -14.20 -4.95 -2.83
CA PRO A 82 -14.37 -3.79 -1.94
C PRO A 82 -13.04 -3.10 -1.64
N VAL A 83 -13.13 -1.81 -1.31
CA VAL A 83 -11.99 -1.00 -0.91
C VAL A 83 -12.27 -0.42 0.46
N TYR A 84 -11.33 -0.58 1.37
CA TYR A 84 -11.43 -0.09 2.75
C TYR A 84 -10.33 0.92 3.00
N LEU A 85 -10.62 1.97 3.73
CA LEU A 85 -9.63 2.99 4.08
C LEU A 85 -8.89 2.56 5.31
N GLU A 86 -7.57 2.58 5.22
CA GLU A 86 -6.70 2.11 6.32
C GLU A 86 -5.61 3.15 6.59
N ARG A 87 -5.82 4.01 7.58
CA ARG A 87 -4.84 5.01 7.96
C ARG A 87 -3.51 4.39 8.38
N GLY A 88 -3.56 3.15 8.87
CA GLY A 88 -2.37 2.44 9.31
C GLY A 88 -1.30 2.29 8.26
N ILE A 89 -1.69 2.34 6.97
CA ILE A 89 -0.74 2.18 5.90
C ILE A 89 -0.52 3.49 5.15
N GLY A 90 -0.84 4.58 5.82
CA GLY A 90 -0.58 5.91 5.28
C GLY A 90 0.91 6.22 5.23
N GLU A 91 1.19 7.36 4.60
CA GLU A 91 2.54 7.84 4.37
C GLU A 91 3.34 8.04 5.67
N TRP A 92 4.65 7.95 5.54
CA TRP A 92 5.57 8.24 6.63
C TRP A 92 6.04 9.68 6.49
N TYR A 93 5.70 10.49 7.49
CA TYR A 93 6.25 11.83 7.63
C TYR A 93 7.07 11.87 8.91
N ARG A 94 8.25 12.46 8.83
CA ARG A 94 9.08 12.67 10.00
C ARG A 94 8.65 13.96 10.73
N PRO A 95 8.96 14.06 12.02
CA PRO A 95 8.59 15.25 12.78
C PRO A 95 9.31 16.49 12.21
N ASP A 96 8.68 17.64 12.33
CA ASP A 96 9.24 18.89 11.81
C ASP A 96 9.25 18.93 10.28
N ARG A 97 8.60 17.96 9.65
CA ARG A 97 8.37 18.08 8.21
C ARG A 97 7.57 19.37 7.97
N LYS A 98 7.92 20.11 6.92
CA LYS A 98 7.29 21.41 6.64
C LYS A 98 6.45 21.36 5.36
N PRO A 99 5.37 22.14 5.31
CA PRO A 99 4.91 23.13 6.29
C PRO A 99 4.08 22.54 7.41
N VAL A 100 3.59 21.33 7.19
CA VAL A 100 2.75 20.65 8.18
C VAL A 100 2.93 19.17 7.99
N ILE A 101 2.46 18.39 8.94
CA ILE A 101 2.33 16.94 8.75
C ILE A 101 0.95 16.65 8.15
N PRO A 102 0.92 16.18 6.90
CA PRO A 102 -0.40 15.89 6.32
C PRO A 102 -1.13 14.74 7.02
N VAL A 103 -2.42 14.95 7.22
CA VAL A 103 -3.30 13.90 7.72
C VAL A 103 -4.39 13.72 6.68
N PRO A 104 -4.56 12.48 6.16
CA PRO A 104 -5.43 12.30 5.00
C PRO A 104 -6.91 12.39 5.39
N ALA A 105 -7.76 12.51 4.39
CA ALA A 105 -9.19 12.66 4.57
C ALA A 105 -9.87 11.35 4.92
N GLY A 106 -11.09 11.45 5.41
CA GLY A 106 -11.92 10.29 5.66
C GLY A 106 -12.97 10.00 4.62
N TYR A 107 -13.83 9.04 4.93
CA TYR A 107 -14.82 8.53 3.99
C TYR A 107 -15.74 9.61 3.45
N GLU A 108 -16.20 10.49 4.34
CA GLU A 108 -17.18 11.50 3.97
C GLU A 108 -16.70 12.29 2.74
N ILE A 109 -15.43 12.66 2.76
CA ILE A 109 -14.82 13.44 1.70
C ILE A 109 -14.42 12.57 0.51
N LEU A 110 -13.76 11.46 0.79
CA LEU A 110 -13.18 10.67 -0.30
C LEU A 110 -14.25 9.95 -1.11
N SER A 111 -15.36 9.58 -0.48
CA SER A 111 -16.44 8.91 -1.21
C SER A 111 -17.04 9.81 -2.31
N LYS A 112 -16.88 11.12 -2.16
CA LYS A 112 -17.35 12.06 -3.18
C LYS A 112 -16.48 12.02 -4.43
N PHE A 113 -15.18 11.83 -4.24
CA PHE A 113 -14.25 11.76 -5.36
C PHE A 113 -14.20 10.40 -6.03
N PHE A 114 -14.54 9.37 -5.25
CA PHE A 114 -14.47 7.98 -5.72
C PHE A 114 -15.79 7.26 -5.46
N PRO A 115 -16.88 7.74 -6.10
CA PRO A 115 -18.20 7.20 -5.76
C PRO A 115 -18.32 5.72 -6.12
N GLY A 116 -18.91 4.96 -5.19
CA GLY A 116 -19.17 3.55 -5.38
C GLY A 116 -17.98 2.65 -5.13
N VAL A 117 -16.83 3.22 -4.81
CA VAL A 117 -15.61 2.44 -4.62
C VAL A 117 -15.37 2.01 -3.19
N ILE A 118 -15.64 2.90 -2.23
CA ILE A 118 -15.16 2.70 -0.87
C ILE A 118 -16.29 2.23 0.04
N SER A 119 -15.98 1.23 0.86
CA SER A 119 -16.91 0.77 1.89
CA SER A 119 -16.91 0.76 1.88
C SER A 119 -16.59 1.41 3.23
N GLN A 120 -17.60 2.05 3.84
CA GLN A 120 -17.38 2.80 5.07
C GLN A 120 -17.21 1.95 6.33
N GLU A 121 -17.64 0.70 6.27
CA GLU A 121 -17.75 -0.10 7.48
C GLU A 121 -16.42 -0.34 8.20
N TRP A 122 -15.32 -0.38 7.44
CA TRP A 122 -13.99 -0.65 8.01
C TRP A 122 -13.39 0.60 8.65
N ASP A 123 -13.09 0.52 9.94
CA ASP A 123 -12.38 1.58 10.64
C ASP A 123 -10.88 1.32 10.58
N SER A 124 -10.07 2.36 10.72
CA SER A 124 -8.63 2.18 10.64
C SER A 124 -8.10 1.40 11.85
N THR A 125 -7.00 0.69 11.63
CA THR A 125 -6.44 -0.17 12.64
C THR A 125 -5.67 0.65 13.65
N LEU A 126 -4.98 1.67 13.15
CA LEU A 126 -4.38 2.69 13.98
C LEU A 126 -4.13 3.91 13.10
N THR A 127 -3.73 4.99 13.75
CA THR A 127 -3.50 6.24 13.06
C THR A 127 -2.07 6.63 13.33
N PRO A 128 -1.28 6.86 12.28
CA PRO A 128 0.08 7.35 12.48
C PRO A 128 0.09 8.66 13.26
N ASN A 129 1.08 8.81 14.13
CA ASN A 129 1.26 10.02 14.93
C ASN A 129 1.11 11.26 14.07
N GLU A 130 0.17 12.13 14.42
CA GLU A 130 -0.11 13.31 13.61
C GLU A 130 0.97 14.38 13.74
N LYS A 131 1.94 14.18 14.62
CA LYS A 131 3.09 15.06 14.68
C LYS A 131 4.31 14.45 13.96
N GLY A 132 4.07 13.32 13.29
CA GLY A 132 5.10 12.64 12.52
C GLY A 132 5.75 11.52 13.32
N GLU A 133 6.61 10.74 12.65
CA GLU A 133 7.23 9.55 13.25
C GLU A 133 8.70 9.53 12.91
N THR A 134 9.55 9.21 13.88
CA THR A 134 10.92 8.91 13.54
C THR A 134 10.95 7.57 12.80
N GLU A 135 12.08 7.25 12.19
CA GLU A 135 12.21 5.97 11.50
C GLU A 135 11.91 4.79 12.44
N GLN A 136 12.43 4.85 13.66
CA GLN A 136 12.21 3.78 14.62
CA GLN A 136 12.21 3.79 14.64
C GLN A 136 10.71 3.67 14.98
N GLU A 137 10.08 4.82 15.17
CA GLU A 137 8.66 4.86 15.53
C GLU A 137 7.81 4.36 14.38
N MET A 138 8.19 4.73 13.16
CA MET A 138 7.44 4.28 12.00
C MET A 138 7.52 2.77 11.87
N TYR A 139 8.69 2.17 12.11
CA TYR A 139 8.77 0.72 11.96
C TYR A 139 7.98 0.03 13.06
N MET A 140 7.98 0.62 14.26
CA MET A 140 7.15 0.13 15.36
CA MET A 140 7.15 0.11 15.35
C MET A 140 5.67 0.22 15.01
N ARG A 141 5.30 1.29 14.31
CA ARG A 141 3.91 1.43 13.84
C ARG A 141 3.51 0.21 13.03
N PHE A 142 4.40 -0.20 12.13
CA PHE A 142 4.07 -1.36 11.29
C PHE A 142 4.18 -2.70 12.02
N LYS A 143 5.12 -2.84 12.94
CA LYS A 143 5.17 -4.08 13.74
C LYS A 143 3.89 -4.23 14.56
N LYS A 144 3.35 -3.13 15.06
CA LYS A 144 2.13 -3.18 15.86
C LYS A 144 0.92 -3.39 14.97
N PHE A 145 0.91 -2.73 13.81
CA PHE A 145 -0.17 -2.82 12.85
C PHE A 145 -0.50 -4.26 12.43
N TRP A 146 0.51 -5.04 12.05
CA TRP A 146 0.24 -6.29 11.36
C TRP A 146 -0.69 -7.25 12.13
N PRO A 147 -0.35 -7.62 13.38
CA PRO A 147 -1.23 -8.58 14.05
C PRO A 147 -2.62 -8.04 14.32
N LEU A 148 -2.72 -6.75 14.63
CA LEU A 148 -4.03 -6.15 14.87
C LEU A 148 -4.85 -6.17 13.57
N PHE A 149 -4.20 -5.82 12.47
CA PHE A 149 -4.87 -5.70 11.19
C PHE A 149 -5.36 -7.05 10.70
N ILE A 150 -4.47 -8.05 10.67
CA ILE A 150 -4.90 -9.32 10.12
C ILE A 150 -5.96 -9.98 11.02
N GLU A 151 -5.81 -9.84 12.34
CA GLU A 151 -6.83 -10.35 13.27
C GLU A 151 -8.21 -9.76 12.94
N ARG A 152 -8.26 -8.46 12.65
CA ARG A 152 -9.54 -7.80 12.33
C ARG A 152 -10.06 -8.27 10.98
N VAL A 153 -9.18 -8.35 9.98
CA VAL A 153 -9.59 -8.80 8.65
C VAL A 153 -10.25 -10.19 8.76
N GLU A 154 -9.66 -11.06 9.55
CA GLU A 154 -10.12 -12.44 9.60
C GLU A 154 -11.38 -12.61 10.42
N LYS A 155 -11.61 -11.71 11.36
CA LYS A 155 -12.89 -11.68 12.11
C LYS A 155 -14.01 -11.15 11.23
N GLU A 156 -13.72 -10.07 10.50
CA GLU A 156 -14.76 -9.37 9.74
C GLU A 156 -15.09 -10.07 8.44
N TYR A 157 -14.07 -10.66 7.80
CA TYR A 157 -14.22 -11.26 6.46
C TYR A 157 -13.56 -12.63 6.50
N PRO A 158 -14.21 -13.60 7.16
CA PRO A 158 -13.57 -14.88 7.43
C PRO A 158 -13.25 -15.71 6.20
N ASN A 159 -13.90 -15.41 5.08
CA ASN A 159 -13.73 -16.19 3.88
C ASN A 159 -12.70 -15.60 2.93
N VAL A 160 -12.17 -14.42 3.26
CA VAL A 160 -11.14 -13.76 2.43
C VAL A 160 -9.75 -14.37 2.67
N GLU A 161 -9.12 -14.88 1.62
CA GLU A 161 -7.82 -15.52 1.76
C GLU A 161 -6.68 -14.72 1.12
N CYS A 162 -7.02 -13.77 0.25
CA CYS A 162 -6.02 -12.98 -0.46
C CYS A 162 -6.43 -11.51 -0.46
N ILE A 163 -5.51 -10.65 -0.05
CA ILE A 163 -5.83 -9.23 0.05
C ILE A 163 -4.75 -8.39 -0.63
N LEU A 164 -5.12 -7.15 -0.95
CA LEU A 164 -4.22 -6.17 -1.54
C LEU A 164 -4.16 -4.93 -0.66
N LEU A 165 -2.96 -4.40 -0.45
CA LEU A 165 -2.74 -3.12 0.22
C LEU A 165 -2.17 -2.16 -0.81
N VAL A 166 -2.66 -0.92 -0.85
CA VAL A 166 -2.12 0.10 -1.73
C VAL A 166 -1.59 1.22 -0.86
N THR A 167 -0.32 1.55 -1.06
CA THR A 167 0.40 2.36 -0.08
C THR A 167 1.54 3.15 -0.74
N HIS A 168 2.41 3.69 0.11
CA HIS A 168 3.50 4.60 -0.24
C HIS A 168 4.85 3.88 -0.24
N ALA A 169 5.91 4.54 -0.73
CA ALA A 169 7.19 3.86 -0.89
C ALA A 169 7.76 3.33 0.39
N ALA A 170 7.99 4.22 1.35
CA ALA A 170 8.60 3.75 2.61
C ALA A 170 7.68 2.79 3.35
N SER A 171 6.38 3.07 3.36
CA SER A 171 5.44 2.19 4.02
C SER A 171 5.43 0.80 3.41
N LYS A 172 5.54 0.73 2.08
CA LYS A 172 5.54 -0.56 1.39
C LYS A 172 6.75 -1.40 1.84
N ILE A 173 7.93 -0.79 1.89
CA ILE A 173 9.15 -1.51 2.30
C ILE A 173 9.06 -1.90 3.77
N ALA A 174 8.60 -0.98 4.60
CA ALA A 174 8.54 -1.24 6.07
C ALA A 174 7.47 -2.27 6.36
N LEU A 175 6.36 -2.22 5.64
CA LEU A 175 5.31 -3.27 5.76
C LEU A 175 5.89 -4.63 5.46
N GLY A 176 6.67 -4.71 4.39
CA GLY A 176 7.19 -6.01 3.95
C GLY A 176 8.24 -6.50 4.91
N MET A 177 9.13 -5.62 5.33
CA MET A 177 10.23 -6.03 6.21
C MET A 177 9.69 -6.44 7.58
N SER A 178 8.65 -5.77 8.07
CA SER A 178 8.06 -6.14 9.36
C SER A 178 7.25 -7.42 9.24
N LEU A 179 6.56 -7.63 8.13
CA LEU A 179 5.84 -8.86 7.90
C LEU A 179 6.80 -10.05 7.90
N LEU A 180 7.95 -9.84 7.27
CA LEU A 180 8.95 -10.91 7.15
C LEU A 180 9.75 -11.12 8.44
N GLY A 181 9.66 -10.18 9.37
CA GLY A 181 10.30 -10.30 10.67
C GLY A 181 11.72 -9.75 10.82
N TYR A 182 12.13 -8.85 9.92
CA TYR A 182 13.46 -8.25 10.02
C TYR A 182 13.55 -7.24 11.16
N ASP A 183 14.75 -7.09 11.72
CA ASP A 183 14.97 -6.20 12.86
C ASP A 183 14.77 -4.73 12.51
N ASN A 184 15.05 -4.38 11.26
CA ASN A 184 14.83 -3.01 10.80
C ASN A 184 14.62 -2.99 9.30
N PRO A 185 14.03 -1.92 8.78
CA PRO A 185 13.61 -1.87 7.37
C PRO A 185 14.72 -1.52 6.38
N ARG A 186 15.89 -1.15 6.89
CA ARG A 186 17.04 -0.82 6.03
C ARG A 186 17.89 -1.99 5.63
N MET A 187 17.73 -3.09 6.34
CA MET A 187 18.49 -4.30 6.12
C MET A 187 18.30 -4.80 4.70
N SER A 188 19.26 -5.56 4.21
CA SER A 188 19.05 -6.36 3.01
C SER A 188 18.25 -7.61 3.35
N LEU A 189 17.55 -8.13 2.36
CA LEU A 189 16.76 -9.35 2.49
C LEU A 189 17.61 -10.61 2.66
N ASN A 190 18.76 -10.63 2.01
CA ASN A 190 19.53 -11.86 1.90
C ASN A 190 21.00 -11.56 1.66
N GLU A 191 21.81 -12.61 1.50
CA GLU A 191 23.25 -12.40 1.36
C GLU A 191 23.63 -11.76 0.03
N ASN A 192 22.71 -11.82 -0.93
CA ASN A 192 22.93 -11.17 -2.23
C ASN A 192 22.79 -9.63 -2.18
N GLY A 193 22.17 -9.13 -1.10
CA GLY A 193 22.00 -7.69 -0.93
C GLY A 193 20.69 -7.17 -1.49
N ASP A 194 19.77 -8.07 -1.80
CA ASP A 194 18.49 -7.67 -2.37
C ASP A 194 17.70 -6.84 -1.39
N LYS A 195 16.90 -5.92 -1.91
CA LYS A 195 15.99 -5.12 -1.12
C LYS A 195 14.65 -5.13 -1.82
N ILE A 196 13.61 -4.80 -1.08
CA ILE A 196 12.27 -4.69 -1.64
C ILE A 196 12.27 -3.46 -2.51
N ARG A 197 11.97 -3.62 -3.79
CA ARG A 197 11.96 -2.50 -4.73
C ARG A 197 10.57 -1.91 -4.73
N SER A 198 10.48 -0.60 -4.91
CA SER A 198 9.23 0.11 -4.72
CA SER A 198 9.28 0.17 -4.66
C SER A 198 9.04 1.25 -5.73
N GLY A 199 9.12 0.89 -7.00
CA GLY A 199 8.76 1.83 -8.04
C GLY A 199 7.26 2.14 -8.03
N SER A 200 6.88 3.15 -8.79
CA SER A 200 5.46 3.51 -8.81
CA SER A 200 5.50 3.56 -8.97
C SER A 200 4.65 2.38 -9.49
N CYS A 201 3.54 2.02 -8.82
CA CYS A 201 2.69 0.88 -9.21
C CYS A 201 3.42 -0.47 -9.21
N SER A 202 4.52 -0.56 -8.48
CA SER A 202 5.18 -1.84 -8.31
C SER A 202 4.37 -2.72 -7.36
N LEU A 203 4.63 -4.02 -7.45
CA LEU A 203 3.77 -5.01 -6.77
C LEU A 203 4.60 -6.10 -6.09
N ASP A 204 4.37 -6.26 -4.79
CA ASP A 204 5.00 -7.30 -3.98
C ASP A 204 3.94 -8.35 -3.64
N LYS A 205 4.40 -9.58 -3.44
CA LYS A 205 3.51 -10.68 -3.02
C LYS A 205 4.17 -11.44 -1.90
N TYR A 206 3.38 -11.72 -0.86
CA TYR A 206 3.82 -12.48 0.31
C TYR A 206 2.87 -13.67 0.46
N GLU A 207 3.44 -14.83 0.77
CA GLU A 207 2.65 -16.05 0.95
C GLU A 207 3.11 -16.77 2.20
N ILE A 208 2.18 -17.43 2.88
CA ILE A 208 2.59 -18.14 4.10
CA ILE A 208 2.55 -18.14 4.09
C ILE A 208 3.30 -19.44 3.77
N LEU A 209 4.21 -19.77 4.64
CA LEU A 209 4.89 -21.04 4.59
C LEU A 209 3.87 -22.05 5.13
N LYS A 210 3.55 -23.07 4.34
CA LYS A 210 2.47 -24.01 4.69
CA LYS A 210 2.48 -24.00 4.69
C LYS A 210 2.84 -24.91 5.88
N LYS A 211 1.86 -25.18 6.72
CA LYS A 211 2.06 -26.02 7.88
C LYS A 211 1.34 -27.35 7.76
N SER A 212 0.62 -27.56 6.66
CA SER A 212 -0.03 -28.82 6.42
C SER A 212 -0.01 -29.12 4.93
N TYR A 213 -0.15 -30.39 4.59
CA TYR A 213 -0.28 -30.80 3.19
C TYR A 213 -1.60 -30.28 2.67
N ASP A 214 -1.65 -30.01 1.36
CA ASP A 214 -2.89 -29.59 0.70
C ASP A 214 -3.83 -30.78 0.48
N PHE A 225 -9.69 -27.71 8.81
CA PHE A 225 -9.15 -26.39 9.09
C PHE A 225 -8.40 -26.36 10.43
N THR A 226 -7.20 -25.79 10.41
CA THR A 226 -6.43 -25.60 11.63
C THR A 226 -5.97 -24.15 11.71
N TYR A 227 -6.53 -23.43 12.68
CA TYR A 227 -6.25 -22.01 12.83
C TYR A 227 -4.82 -21.82 13.29
N ILE A 228 -4.11 -20.92 12.62
CA ILE A 228 -2.79 -20.52 13.05
C ILE A 228 -2.80 -19.05 13.38
N PRO A 229 -2.48 -18.68 14.63
CA PRO A 229 -2.41 -17.28 15.01
C PRO A 229 -1.49 -16.55 14.05
N PHE A 230 -1.82 -15.31 13.70
CA PHE A 230 -0.92 -14.52 12.84
C PHE A 230 0.53 -14.56 13.27
N SER A 231 0.77 -14.37 14.55
CA SER A 231 2.13 -14.27 15.08
C SER A 231 2.92 -15.56 14.89
N ASP A 232 2.23 -16.69 14.65
CA ASP A 232 2.92 -17.97 14.39
C ASP A 232 3.13 -18.28 12.90
N ARG A 233 2.66 -17.41 12.02
CA ARG A 233 2.80 -17.66 10.60
C ARG A 233 4.14 -17.13 10.13
N LYS A 234 4.75 -17.84 9.20
CA LYS A 234 5.99 -17.39 8.57
C LYS A 234 5.64 -17.00 7.14
N TRP A 235 5.99 -15.77 6.78
CA TRP A 235 5.71 -15.29 5.44
C TRP A 235 6.97 -15.31 4.57
N VAL A 236 6.73 -15.46 3.27
CA VAL A 236 7.76 -15.57 2.24
C VAL A 236 7.48 -14.55 1.16
N LEU A 237 8.49 -13.77 0.79
CA LEU A 237 8.35 -12.83 -0.31
C LEU A 237 8.49 -13.58 -1.62
N THR A 238 7.42 -13.65 -2.40
CA THR A 238 7.45 -14.42 -3.64
C THR A 238 7.39 -13.57 -4.92
N MET A 239 7.23 -12.26 -4.76
CA MET A 239 7.31 -11.31 -5.87
C MET A 239 7.82 -10.01 -5.26
N ASN A 240 8.92 -9.50 -5.81
CA ASN A 240 9.60 -8.32 -5.29
C ASN A 240 9.52 -7.14 -6.25
N GLY A 241 8.63 -6.20 -5.97
CA GLY A 241 8.59 -4.94 -6.70
C GLY A 241 8.41 -5.07 -8.20
N ASN A 242 7.60 -6.03 -8.60
CA ASN A 242 7.33 -6.30 -10.00
C ASN A 242 6.72 -5.10 -10.70
N THR A 243 7.31 -4.75 -11.84
CA THR A 243 6.80 -3.71 -12.72
C THR A 243 6.77 -4.19 -14.18
N GLU A 244 6.95 -5.49 -14.41
CA GLU A 244 7.01 -6.02 -15.78
C GLU A 244 5.74 -5.77 -16.58
N PHE A 245 4.63 -5.63 -15.88
CA PHE A 245 3.31 -5.40 -16.50
C PHE A 245 3.06 -3.93 -16.85
N LEU A 246 3.99 -3.05 -16.48
CA LEU A 246 3.86 -1.62 -16.81
C LEU A 246 4.59 -1.30 -18.11
N SER A 247 3.94 -0.58 -18.99
CA SER A 247 4.56 -0.09 -20.22
CA SER A 247 4.60 -0.17 -20.22
C SER A 247 5.77 0.78 -19.90
N SER A 248 5.68 1.51 -18.81
CA SER A 248 6.72 2.41 -18.33
C SER A 248 7.96 1.71 -17.77
N GLY A 249 7.82 0.46 -17.39
CA GLY A 249 8.80 -0.18 -16.52
C GLY A 249 8.89 0.49 -15.15
N GLU A 250 10.01 0.28 -14.47
CA GLU A 250 10.23 0.76 -13.12
C GLU A 250 10.63 2.21 -13.12
N GLU A 251 9.89 2.99 -12.32
CA GLU A 251 10.13 4.42 -12.20
C GLU A 251 10.06 4.81 -10.73
N MET A 252 10.97 5.68 -10.33
CA MET A 252 10.97 6.29 -9.01
C MET A 252 11.11 5.26 -7.90
N ASN A 253 11.97 4.28 -8.11
CA ASN A 253 12.31 3.39 -7.01
C ASN A 253 12.80 4.19 -5.84
N TRP A 254 12.43 3.77 -4.64
CA TRP A 254 12.80 4.46 -3.43
C TRP A 254 13.31 3.41 -2.47
N ASN A 255 14.35 3.74 -1.73
CA ASN A 255 14.71 2.94 -0.57
C ASN A 255 15.28 3.83 0.52
N PHE A 256 15.55 3.24 1.68
CA PHE A 256 15.96 4.04 2.84
C PHE A 256 17.29 4.74 2.63
N ASP A 257 18.06 4.33 1.63
CA ASP A 257 19.25 5.10 1.24
C ASP A 257 18.88 6.50 0.76
N CYS A 258 17.60 6.72 0.47
CA CYS A 258 17.11 8.05 0.05
C CYS A 258 16.80 8.94 1.24
N VAL A 259 17.17 8.52 2.44
CA VAL A 259 16.99 9.34 3.65
C VAL A 259 18.25 9.33 4.53
#